data_8HI8
#
_entry.id   8HI8
#
_cell.length_a   118.943
_cell.length_b   118.943
_cell.length_c   87.460
_cell.angle_alpha   90.000
_cell.angle_beta   90.000
_cell.angle_gamma   120.000
#
_symmetry.space_group_name_H-M   'P 61'
#
loop_
_entity.id
_entity.type
_entity.pdbx_description
1 polymer 'RiPP Recognition Protein'
2 polymer 'DUF692 family protein'
3 non-polymer 'FE (III) ION'
4 water water
#
loop_
_entity_poly.entity_id
_entity_poly.type
_entity_poly.pdbx_seq_one_letter_code
_entity_poly.pdbx_strand_id
1 'polypeptide(L)'
;MEAEQVWKLWRRVLRDERLQAQLFSATDATHWLSGFSESESKILSVYAQQFDRVKWFVENYQFRLVNSFLNALETGAPLS
LRALLHINVDLNAQSKAFLRDRQWRDYGPQVYTYCEDVLGFLAEADELQGYPEILDLMRLERESVRLYRGLVDPESLPAD
NRYQRTSMARLYETRFALSGWLRQKDQLGLTRLPESTEHVLIYLPTLQARHKFTLINAQAARLYNCLEQPQSAAGLFMLI
NSDSASVPGSADLALLDRLEQLNAIRKPL
;
A
2 'polypeptide(L)'
;MPDFVKPAPIGVGIQYNPEILDWFPFEDIQVDILEILLDNIMAPMDGPQIIKPSAQAMIERLGQKFTLLAHSNYGCDFGF
SALEETAAVQRHVPLAKMLNSPWVANHCFYGDQSWLDIWSSPIQFSAAEVARCADRAQSLQTLYGMPLAHENAAYYLECP
GAEMREAEFLARLVQRSGTFLHLDLHNIYTNHLNLKGFDLKDYMDTLPLDKVISVHLAGGSWHGGLYHDWHDACVPEPVW
DLYEDLLSRAQPSAVILEYQGQAHHAQTRIMDASDESMIVRDVQRAQAIWSRYNRHPQERQYGS
;
B
#
loop_
_chem_comp.id
_chem_comp.type
_chem_comp.name
_chem_comp.formula
FE non-polymer 'FE (III) ION' 'Fe 3'
#
# COMPACT_ATOMS: atom_id res chain seq x y z
N MET A 1 22.05 -22.52 0.47
CA MET A 1 20.87 -21.90 -0.10
C MET A 1 20.65 -20.49 0.45
N GLU A 2 21.23 -19.50 -0.23
CA GLU A 2 21.11 -18.13 0.22
C GLU A 2 19.68 -17.63 0.05
N ALA A 3 19.25 -16.79 0.99
CA ALA A 3 17.88 -16.26 0.94
C ALA A 3 17.68 -15.36 -0.27
N GLU A 4 18.74 -14.70 -0.75
CA GLU A 4 18.61 -13.85 -1.93
C GLU A 4 18.45 -14.67 -3.21
N GLN A 5 18.82 -15.95 -3.18
CA GLN A 5 18.68 -16.79 -4.36
C GLN A 5 17.32 -17.49 -4.43
N VAL A 6 16.71 -17.80 -3.29
CA VAL A 6 15.36 -18.35 -3.30
C VAL A 6 14.32 -17.28 -3.61
N TRP A 7 14.68 -16.00 -3.45
CA TRP A 7 13.77 -14.92 -3.79
C TRP A 7 13.84 -14.59 -5.28
N LYS A 8 15.05 -14.51 -5.82
CA LYS A 8 15.22 -14.28 -7.26
C LYS A 8 14.56 -15.38 -8.07
N LEU A 9 14.53 -16.61 -7.54
CA LEU A 9 13.90 -17.71 -8.25
C LEU A 9 12.40 -17.52 -8.37
N TRP A 10 11.73 -17.23 -7.25
CA TRP A 10 10.29 -17.07 -7.29
C TRP A 10 9.87 -15.81 -8.03
N ARG A 11 10.70 -14.76 -7.99
CA ARG A 11 10.42 -13.58 -8.81
C ARG A 11 10.46 -13.93 -10.30
N ARG A 12 11.28 -14.90 -10.69
CA ARG A 12 11.29 -15.36 -12.07
C ARG A 12 10.10 -16.25 -12.38
N VAL A 13 9.65 -17.06 -11.41
CA VAL A 13 8.52 -17.96 -11.65
C VAL A 13 7.22 -17.17 -11.76
N LEU A 14 7.03 -16.20 -10.86
CA LEU A 14 5.77 -15.44 -10.84
C LEU A 14 5.62 -14.53 -12.06
N ARG A 15 6.72 -14.13 -12.70
CA ARG A 15 6.63 -13.25 -13.86
C ARG A 15 6.61 -14.00 -15.19
N ASP A 16 6.98 -15.28 -15.18
CA ASP A 16 7.01 -16.10 -16.39
C ASP A 16 5.98 -17.21 -16.20
N GLU A 17 4.77 -17.02 -16.74
CA GLU A 17 3.72 -18.00 -16.60
C GLU A 17 3.93 -19.23 -17.48
N ARG A 18 4.89 -19.19 -18.40
CA ARG A 18 5.27 -20.40 -19.12
C ARG A 18 5.97 -21.38 -18.18
N LEU A 19 6.75 -20.87 -17.22
CA LEU A 19 7.37 -21.72 -16.23
C LEU A 19 6.34 -22.28 -15.26
N GLN A 20 5.24 -21.55 -15.05
CA GLN A 20 4.21 -22.03 -14.14
C GLN A 20 3.48 -23.25 -14.69
N ALA A 21 3.31 -23.32 -16.01
CA ALA A 21 2.65 -24.48 -16.62
C ALA A 21 3.53 -25.72 -16.51
N GLN A 22 4.86 -25.55 -16.49
CA GLN A 22 5.75 -26.70 -16.37
C GLN A 22 5.74 -27.26 -14.96
N LEU A 23 5.75 -26.38 -13.95
CA LEU A 23 5.86 -26.83 -12.56
C LEU A 23 4.55 -27.45 -12.08
N PHE A 24 3.41 -26.87 -12.49
CA PHE A 24 2.13 -27.35 -12.00
C PHE A 24 1.75 -28.68 -12.64
N SER A 25 1.93 -28.79 -13.96
CA SER A 25 1.46 -29.99 -14.67
C SER A 25 2.35 -31.19 -14.38
N ALA A 26 3.67 -31.00 -14.36
CA ALA A 26 4.62 -32.09 -14.17
C ALA A 26 5.24 -31.97 -12.78
N THR A 27 4.86 -32.89 -11.89
CA THR A 27 5.42 -32.93 -10.55
C THR A 27 6.58 -33.89 -10.39
N ASP A 28 6.86 -34.71 -11.41
CA ASP A 28 7.97 -35.65 -11.33
C ASP A 28 9.29 -34.88 -11.30
N ALA A 29 10.32 -35.55 -10.77
CA ALA A 29 11.60 -34.89 -10.49
C ALA A 29 12.20 -34.28 -11.75
N THR A 30 12.43 -35.10 -12.78
CA THR A 30 13.03 -34.63 -14.02
C THR A 30 12.01 -34.25 -15.08
N HIS A 31 10.71 -34.38 -14.80
CA HIS A 31 9.71 -34.00 -15.78
C HIS A 31 9.62 -32.49 -15.92
N TRP A 32 9.66 -31.76 -14.81
CA TRP A 32 9.85 -30.32 -14.90
C TRP A 32 11.22 -30.05 -15.51
N LEU A 33 11.28 -29.10 -16.43
CA LEU A 33 12.45 -28.93 -17.27
C LEU A 33 13.69 -28.68 -16.42
N SER A 34 14.72 -29.52 -16.62
CA SER A 34 16.02 -29.28 -16.01
C SER A 34 16.70 -28.06 -16.58
N GLY A 35 16.06 -27.33 -17.51
CA GLY A 35 16.54 -26.02 -17.91
C GLY A 35 16.60 -25.04 -16.76
N PHE A 36 15.82 -25.26 -15.71
CA PHE A 36 16.08 -24.58 -14.45
C PHE A 36 17.52 -24.86 -14.02
N SER A 37 18.24 -23.80 -13.68
CA SER A 37 19.66 -23.91 -13.33
C SER A 37 19.87 -24.93 -12.21
N GLU A 38 21.09 -25.47 -12.12
CA GLU A 38 21.38 -26.47 -11.09
C GLU A 38 21.08 -25.93 -9.69
N SER A 39 21.41 -24.66 -9.45
CA SER A 39 21.05 -24.04 -8.18
C SER A 39 19.55 -23.83 -8.07
N GLU A 40 18.88 -23.51 -9.19
CA GLU A 40 17.43 -23.35 -9.17
C GLU A 40 16.73 -24.68 -8.90
N SER A 41 17.17 -25.75 -9.58
CA SER A 41 16.51 -27.05 -9.44
C SER A 41 16.63 -27.59 -8.03
N LYS A 42 17.72 -27.26 -7.32
CA LYS A 42 17.84 -27.66 -5.92
C LYS A 42 16.75 -27.01 -5.07
N ILE A 43 16.44 -25.74 -5.34
CA ILE A 43 15.40 -25.05 -4.58
C ILE A 43 14.02 -25.58 -4.98
N LEU A 44 13.84 -25.91 -6.27
CA LEU A 44 12.59 -26.54 -6.69
C LEU A 44 12.43 -27.93 -6.08
N SER A 45 13.53 -28.65 -5.90
CA SER A 45 13.47 -30.00 -5.33
C SER A 45 13.05 -29.98 -3.87
N VAL A 46 13.26 -28.86 -3.17
CA VAL A 46 12.71 -28.73 -1.82
C VAL A 46 11.20 -28.60 -1.87
N TYR A 47 10.68 -27.90 -2.88
CA TYR A 47 9.25 -27.77 -3.10
C TYR A 47 8.64 -28.95 -3.83
N ALA A 48 9.40 -30.04 -4.02
CA ALA A 48 8.86 -31.22 -4.69
C ALA A 48 7.61 -31.72 -3.97
N GLN A 49 7.69 -31.89 -2.66
CA GLN A 49 6.50 -32.10 -1.86
C GLN A 49 5.77 -30.78 -1.65
N GLN A 50 4.46 -30.86 -1.49
CA GLN A 50 3.61 -29.70 -1.26
C GLN A 50 3.64 -28.74 -2.44
N PHE A 51 3.56 -29.28 -3.66
CA PHE A 51 3.43 -28.44 -4.84
C PHE A 51 2.07 -27.75 -4.92
N ASP A 52 1.06 -28.29 -4.23
CA ASP A 52 -0.25 -27.63 -4.20
C ASP A 52 -0.15 -26.26 -3.54
N ARG A 53 0.69 -26.14 -2.51
CA ARG A 53 0.90 -24.84 -1.88
C ARG A 53 1.55 -23.85 -2.83
N VAL A 54 2.42 -24.34 -3.72
CA VAL A 54 3.04 -23.48 -4.73
C VAL A 54 1.98 -22.98 -5.70
N LYS A 55 1.09 -23.86 -6.15
CA LYS A 55 -0.03 -23.43 -6.98
C LYS A 55 -0.97 -22.49 -6.24
N TRP A 56 -0.91 -22.48 -4.90
CA TRP A 56 -1.68 -21.52 -4.13
C TRP A 56 -0.91 -20.24 -3.84
N PHE A 57 0.43 -20.27 -3.91
CA PHE A 57 1.20 -19.04 -3.78
C PHE A 57 1.05 -18.18 -5.03
N VAL A 58 0.97 -18.82 -6.21
CA VAL A 58 0.50 -18.14 -7.40
C VAL A 58 -1.01 -18.00 -7.26
N GLU A 59 -1.67 -17.43 -8.28
CA GLU A 59 -3.08 -17.07 -8.19
C GLU A 59 -3.30 -16.00 -7.12
N ASN A 60 -2.87 -16.28 -5.88
CA ASN A 60 -2.86 -15.25 -4.84
C ASN A 60 -2.05 -14.05 -5.29
N TYR A 61 -0.85 -14.28 -5.82
CA TYR A 61 -0.06 -13.21 -6.42
C TYR A 61 -0.81 -12.56 -7.58
N GLN A 62 -1.56 -13.35 -8.34
CA GLN A 62 -2.29 -12.84 -9.50
C GLN A 62 -3.58 -12.15 -9.09
N PHE A 63 -4.27 -12.67 -8.07
CA PHE A 63 -5.48 -12.02 -7.58
C PHE A 63 -5.17 -10.65 -6.98
N ARG A 64 -4.04 -10.54 -6.28
CA ARG A 64 -3.66 -9.26 -5.69
C ARG A 64 -3.27 -8.26 -6.77
N LEU A 65 -2.59 -8.72 -7.82
CA LEU A 65 -2.17 -7.80 -8.88
C LEU A 65 -3.36 -7.34 -9.71
N VAL A 66 -4.33 -8.21 -9.94
CA VAL A 66 -5.54 -7.81 -10.67
C VAL A 66 -6.32 -6.79 -9.87
N ASN A 67 -6.39 -6.96 -8.54
CA ASN A 67 -7.02 -5.94 -7.71
C ASN A 67 -6.19 -4.66 -7.66
N SER A 68 -4.86 -4.78 -7.71
CA SER A 68 -4.01 -3.60 -7.71
C SER A 68 -4.21 -2.78 -8.97
N PHE A 69 -4.65 -3.41 -10.06
CA PHE A 69 -5.01 -2.66 -11.26
C PHE A 69 -6.16 -1.70 -10.97
N LEU A 70 -7.04 -2.05 -10.04
CA LEU A 70 -8.13 -1.14 -9.68
C LEU A 70 -7.66 -0.04 -8.73
N ASN A 71 -6.77 -0.38 -7.79
CA ASN A 71 -6.22 0.64 -6.90
C ASN A 71 -5.49 1.71 -7.69
N ALA A 72 -4.58 1.28 -8.57
CA ALA A 72 -3.86 2.23 -9.43
C ALA A 72 -4.82 3.11 -10.22
N LEU A 73 -5.99 2.58 -10.57
CA LEU A 73 -6.99 3.39 -11.24
C LEU A 73 -7.68 4.35 -10.27
N GLU A 74 -8.04 3.87 -9.08
CA GLU A 74 -8.67 4.75 -8.10
C GLU A 74 -7.72 5.84 -7.62
N THR A 75 -6.42 5.53 -7.54
CA THR A 75 -5.46 6.51 -7.06
C THR A 75 -5.20 7.60 -8.09
N GLY A 76 -4.97 7.21 -9.34
CA GLY A 76 -4.57 8.15 -10.37
C GLY A 76 -5.70 8.73 -11.18
N ALA A 77 -6.72 7.93 -11.49
CA ALA A 77 -7.83 8.33 -12.34
C ALA A 77 -9.16 7.87 -11.73
N PRO A 78 -9.61 8.55 -10.67
CA PRO A 78 -10.90 8.17 -10.08
C PRO A 78 -12.09 8.51 -10.96
N LEU A 79 -11.99 9.57 -11.76
CA LEU A 79 -13.09 9.91 -12.66
C LEU A 79 -13.17 8.95 -13.84
N SER A 80 -12.00 8.59 -14.40
CA SER A 80 -11.99 7.60 -15.48
C SER A 80 -12.51 6.25 -14.98
N LEU A 81 -12.19 5.90 -13.74
CA LEU A 81 -12.69 4.66 -13.18
C LEU A 81 -14.22 4.68 -13.07
N ARG A 82 -14.78 5.79 -12.59
CA ARG A 82 -16.23 5.89 -12.47
C ARG A 82 -16.93 5.88 -13.82
N ALA A 83 -16.28 6.45 -14.84
CA ALA A 83 -16.86 6.43 -16.19
C ALA A 83 -16.79 5.03 -16.78
N LEU A 84 -15.68 4.32 -16.55
CA LEU A 84 -15.54 2.97 -17.08
C LEU A 84 -16.47 1.99 -16.39
N LEU A 85 -16.71 2.18 -15.09
CA LEU A 85 -17.63 1.30 -14.37
C LEU A 85 -19.08 1.53 -14.81
N HIS A 86 -19.39 2.74 -15.29
CA HIS A 86 -20.76 3.03 -15.71
C HIS A 86 -21.06 2.42 -17.08
N ILE A 87 -20.08 2.43 -17.99
CA ILE A 87 -20.28 1.82 -19.31
C ILE A 87 -20.06 0.31 -19.28
N ASN A 88 -19.75 -0.26 -18.12
CA ASN A 88 -19.69 -1.71 -17.90
C ASN A 88 -18.63 -2.36 -18.80
N VAL A 89 -17.38 -2.01 -18.50
CA VAL A 89 -16.23 -2.66 -19.12
C VAL A 89 -15.69 -3.70 -18.16
N ASP A 90 -15.24 -4.83 -18.70
CA ASP A 90 -14.69 -5.91 -17.89
C ASP A 90 -13.24 -5.57 -17.55
N LEU A 91 -13.08 -4.76 -16.49
CA LEU A 91 -11.74 -4.39 -16.05
C LEU A 91 -10.95 -5.59 -15.58
N ASN A 92 -11.64 -6.65 -15.13
CA ASN A 92 -10.94 -7.90 -14.81
C ASN A 92 -10.36 -8.53 -16.07
N ALA A 93 -11.13 -8.54 -17.16
CA ALA A 93 -10.59 -9.00 -18.42
C ALA A 93 -9.49 -8.10 -18.97
N GLN A 94 -9.49 -6.83 -18.56
CA GLN A 94 -8.44 -5.90 -18.96
C GLN A 94 -7.26 -5.90 -18.00
N SER A 95 -7.49 -6.21 -16.72
CA SER A 95 -6.38 -6.35 -15.79
C SER A 95 -5.50 -7.53 -16.17
N LYS A 96 -6.13 -8.67 -16.52
CA LYS A 96 -5.37 -9.83 -16.96
C LYS A 96 -4.66 -9.55 -18.27
N ALA A 97 -5.29 -8.81 -19.17
CA ALA A 97 -4.67 -8.50 -20.45
C ALA A 97 -3.50 -7.54 -20.28
N PHE A 98 -3.65 -6.55 -19.40
CA PHE A 98 -2.57 -5.58 -19.18
C PHE A 98 -1.40 -6.22 -18.44
N LEU A 99 -1.68 -7.05 -17.44
CA LEU A 99 -0.61 -7.63 -16.63
C LEU A 99 0.16 -8.71 -17.39
N ARG A 100 -0.49 -9.40 -18.34
CA ARG A 100 0.22 -10.42 -19.10
C ARG A 100 1.23 -9.79 -20.05
N ASP A 101 0.90 -8.63 -20.63
CA ASP A 101 1.85 -7.94 -21.48
C ASP A 101 3.05 -7.44 -20.69
N ARG A 102 2.87 -7.19 -19.40
CA ARG A 102 3.96 -6.74 -18.53
C ARG A 102 4.59 -7.89 -17.76
N GLN A 103 4.30 -9.14 -18.13
CA GLN A 103 4.82 -10.32 -17.45
C GLN A 103 4.46 -10.31 -15.97
N TRP A 104 3.24 -9.92 -15.67
CA TRP A 104 2.72 -9.87 -14.29
C TRP A 104 3.64 -9.04 -13.38
N ARG A 105 3.94 -7.83 -13.85
CA ARG A 105 4.85 -6.95 -13.12
C ARG A 105 4.21 -6.44 -11.84
N ASP A 106 5.01 -6.35 -10.78
CA ASP A 106 4.57 -5.83 -9.48
C ASP A 106 5.06 -4.39 -9.39
N TYR A 107 4.16 -3.44 -9.67
CA TYR A 107 4.54 -2.03 -9.67
C TYR A 107 4.87 -1.53 -8.26
N GLY A 108 4.28 -2.14 -7.23
CA GLY A 108 4.57 -1.78 -5.87
C GLY A 108 4.04 -0.40 -5.51
N PRO A 109 4.82 0.36 -4.75
CA PRO A 109 4.41 1.72 -4.36
C PRO A 109 4.44 2.73 -5.49
N GLN A 110 4.91 2.34 -6.67
CA GLN A 110 4.91 3.23 -7.84
C GLN A 110 3.53 3.23 -8.48
N VAL A 111 2.57 3.81 -7.76
CA VAL A 111 1.18 3.75 -8.18
C VAL A 111 0.90 4.70 -9.33
N TYR A 112 1.52 5.88 -9.32
CA TYR A 112 1.33 6.82 -10.41
C TYR A 112 1.96 6.30 -11.70
N THR A 113 3.16 5.73 -11.61
CA THR A 113 3.76 5.07 -12.77
C THR A 113 2.91 3.91 -13.23
N TYR A 114 2.34 3.16 -12.28
CA TYR A 114 1.38 2.11 -12.62
C TYR A 114 0.20 2.69 -13.38
N CYS A 115 -0.42 3.75 -12.83
CA CYS A 115 -1.61 4.31 -13.45
C CYS A 115 -1.31 4.91 -14.82
N GLU A 116 -0.13 5.51 -15.00
CA GLU A 116 0.19 6.11 -16.28
C GLU A 116 0.33 5.05 -17.38
N ASP A 117 0.88 3.88 -17.03
CA ASP A 117 0.95 2.79 -17.99
C ASP A 117 -0.42 2.16 -18.21
N VAL A 118 -1.31 2.26 -17.23
CA VAL A 118 -2.65 1.71 -17.37
C VAL A 118 -3.49 2.59 -18.30
N LEU A 119 -3.44 3.91 -18.09
CA LEU A 119 -4.20 4.82 -18.94
C LEU A 119 -3.71 4.78 -20.38
N GLY A 120 -2.41 4.57 -20.59
CA GLY A 120 -1.90 4.40 -21.94
C GLY A 120 -2.31 3.08 -22.56
N PHE A 121 -2.46 2.05 -21.73
CA PHE A 121 -2.91 0.74 -22.24
C PHE A 121 -4.37 0.80 -22.63
N LEU A 122 -5.21 1.39 -21.78
CA LEU A 122 -6.64 1.46 -22.06
C LEU A 122 -6.96 2.42 -23.21
N ALA A 123 -6.06 3.36 -23.51
CA ALA A 123 -6.29 4.29 -24.61
C ALA A 123 -6.25 3.60 -25.97
N GLU A 124 -5.73 2.38 -26.03
CA GLU A 124 -5.65 1.62 -27.27
C GLU A 124 -6.59 0.43 -27.30
N ALA A 125 -7.28 0.13 -26.20
CA ALA A 125 -8.18 -1.01 -26.18
C ALA A 125 -9.35 -0.82 -27.13
N ASP A 126 -9.68 -1.87 -27.87
CA ASP A 126 -10.77 -1.79 -28.85
C ASP A 126 -12.12 -1.57 -28.19
N GLU A 127 -12.27 -1.95 -26.91
CA GLU A 127 -13.53 -1.74 -26.21
C GLU A 127 -13.81 -0.26 -25.99
N LEU A 128 -12.76 0.56 -25.90
CA LEU A 128 -12.89 1.97 -25.58
C LEU A 128 -12.79 2.88 -26.79
N GLN A 129 -12.56 2.32 -27.98
CA GLN A 129 -12.44 3.14 -29.17
C GLN A 129 -13.76 3.82 -29.56
N GLY A 130 -14.89 3.28 -29.10
CA GLY A 130 -16.18 3.86 -29.37
C GLY A 130 -16.64 4.92 -28.41
N TYR A 131 -15.84 5.23 -27.37
CA TYR A 131 -16.17 6.24 -26.38
C TYR A 131 -15.08 7.31 -26.41
N PRO A 132 -15.16 8.26 -27.35
CA PRO A 132 -14.12 9.29 -27.42
C PRO A 132 -14.19 10.28 -26.27
N GLU A 133 -15.36 10.47 -25.66
CA GLU A 133 -15.45 11.37 -24.50
C GLU A 133 -14.71 10.80 -23.30
N ILE A 134 -14.82 9.49 -23.08
CA ILE A 134 -14.05 8.86 -22.01
C ILE A 134 -12.57 8.83 -22.36
N LEU A 135 -12.25 8.59 -23.65
CA LEU A 135 -10.86 8.65 -24.09
C LEU A 135 -10.27 10.03 -23.86
N ASP A 136 -11.09 11.08 -23.96
CA ASP A 136 -10.61 12.42 -23.66
C ASP A 136 -10.46 12.63 -22.16
N LEU A 137 -11.39 12.08 -21.37
CA LEU A 137 -11.30 12.21 -19.92
C LEU A 137 -10.09 11.48 -19.37
N MET A 138 -9.72 10.35 -19.97
CA MET A 138 -8.55 9.60 -19.51
C MET A 138 -7.26 10.35 -19.77
N ARG A 139 -7.17 11.04 -20.92
CA ARG A 139 -5.99 11.86 -21.18
C ARG A 139 -5.91 13.03 -20.20
N LEU A 140 -7.05 13.57 -19.80
CA LEU A 140 -7.06 14.60 -18.76
C LEU A 140 -6.55 14.04 -17.44
N GLU A 141 -7.00 12.83 -17.08
CA GLU A 141 -6.51 12.18 -15.88
C GLU A 141 -5.04 11.83 -15.99
N ARG A 142 -4.56 11.53 -17.20
CA ARG A 142 -3.16 11.21 -17.40
C ARG A 142 -2.26 12.41 -17.14
N GLU A 143 -2.80 13.63 -17.33
CA GLU A 143 -2.03 14.83 -17.01
C GLU A 143 -1.97 15.06 -15.50
N SER A 144 -3.00 14.62 -14.76
CA SER A 144 -2.94 14.69 -13.31
C SER A 144 -1.84 13.78 -12.77
N VAL A 145 -1.65 12.62 -13.40
CA VAL A 145 -0.56 11.73 -13.00
C VAL A 145 0.78 12.38 -13.30
N ARG A 146 0.92 13.01 -14.47
CA ARG A 146 2.15 13.69 -14.81
C ARG A 146 2.38 14.95 -13.96
N LEU A 147 1.32 15.46 -13.32
CA LEU A 147 1.49 16.58 -12.40
C LEU A 147 2.16 16.12 -11.11
N TYR A 148 1.69 15.01 -10.54
CA TYR A 148 2.28 14.49 -9.32
C TYR A 148 3.70 13.99 -9.57
N ARG A 149 3.90 13.24 -10.65
CA ARG A 149 5.21 12.65 -10.92
C ARG A 149 6.25 13.72 -11.24
N GLY A 150 5.83 14.84 -11.82
CA GLY A 150 6.75 15.93 -12.10
C GLY A 150 7.19 16.72 -10.88
N LEU A 151 6.71 16.36 -9.69
CA LEU A 151 7.03 17.08 -8.47
C LEU A 151 7.87 16.24 -7.51
N VAL A 152 8.32 15.06 -7.93
CA VAL A 152 9.15 14.22 -7.07
C VAL A 152 10.50 14.88 -6.85
N ASP A 153 11.21 15.17 -7.94
CA ASP A 153 12.49 15.90 -7.89
C ASP A 153 12.52 16.87 -9.06
N PRO A 154 11.76 17.96 -8.98
CA PRO A 154 11.73 18.93 -10.07
C PRO A 154 12.95 19.85 -10.02
N GLU A 155 13.26 20.42 -11.19
CA GLU A 155 14.37 21.36 -11.31
C GLU A 155 13.99 22.65 -10.61
N SER A 156 14.54 22.87 -9.42
CA SER A 156 14.22 24.06 -8.64
C SER A 156 14.79 25.30 -9.30
N LEU A 157 13.92 26.16 -9.82
CA LEU A 157 14.34 27.39 -10.47
C LEU A 157 14.21 28.54 -9.50
N PRO A 158 15.28 29.28 -9.22
CA PRO A 158 15.17 30.41 -8.28
C PRO A 158 14.37 31.55 -8.87
N ALA A 159 13.66 32.26 -7.99
CA ALA A 159 12.86 33.40 -8.41
C ALA A 159 13.77 34.52 -8.90
N ASP A 160 13.59 34.93 -10.15
CA ASP A 160 14.47 35.94 -10.74
C ASP A 160 13.69 36.99 -11.54
N ASN A 161 14.24 37.40 -12.68
CA ASN A 161 13.75 38.57 -13.41
C ASN A 161 12.71 38.24 -14.48
N ARG A 162 12.41 36.97 -14.70
CA ARG A 162 11.53 36.58 -15.80
C ARG A 162 10.33 35.79 -15.27
N TYR A 163 9.23 35.85 -16.02
CA TYR A 163 8.07 35.04 -15.68
C TYR A 163 8.40 33.57 -15.85
N GLN A 164 8.17 32.79 -14.79
CA GLN A 164 8.49 31.38 -14.77
C GLN A 164 7.22 30.56 -14.66
N ARG A 165 7.19 29.42 -15.35
CA ARG A 165 6.07 28.48 -15.27
C ARG A 165 6.37 27.44 -14.21
N THR A 166 5.54 27.39 -13.16
CA THR A 166 5.77 26.47 -12.06
C THR A 166 5.45 25.04 -12.48
N SER A 167 5.94 24.09 -11.68
CA SER A 167 5.69 22.68 -11.89
C SER A 167 4.54 22.14 -11.06
N MET A 168 3.84 23.01 -10.32
CA MET A 168 2.67 22.62 -9.54
C MET A 168 1.37 22.80 -10.31
N ALA A 169 1.44 22.88 -11.63
CA ALA A 169 0.24 23.04 -12.45
C ALA A 169 0.55 22.63 -13.88
N ARG A 170 -0.41 21.98 -14.52
CA ARG A 170 -0.31 21.59 -15.92
C ARG A 170 -1.58 22.04 -16.64
N LEU A 171 -1.50 22.06 -17.97
CA LEU A 171 -2.60 22.46 -18.82
C LEU A 171 -2.92 21.35 -19.81
N TYR A 172 -4.21 21.14 -20.06
CA TYR A 172 -4.67 20.14 -21.02
C TYR A 172 -5.73 20.76 -21.92
N GLU A 173 -5.46 20.79 -23.22
CA GLU A 173 -6.43 21.25 -24.21
C GLU A 173 -7.31 20.05 -24.61
N THR A 174 -8.55 20.06 -24.14
CA THR A 174 -9.44 18.93 -24.36
C THR A 174 -9.93 18.89 -25.80
N ARG A 175 -10.62 17.80 -26.12
CA ARG A 175 -11.34 17.66 -27.38
C ARG A 175 -12.84 17.83 -27.22
N PHE A 176 -13.39 17.40 -26.09
CA PHE A 176 -14.80 17.58 -25.75
C PHE A 176 -14.93 18.57 -24.60
N ALA A 177 -16.16 19.03 -24.37
CA ALA A 177 -16.46 19.93 -23.27
C ALA A 177 -16.57 19.10 -21.99
N LEU A 178 -15.41 18.70 -21.46
CA LEU A 178 -15.35 17.83 -20.30
C LEU A 178 -15.87 18.49 -19.03
N SER A 179 -16.13 19.80 -19.05
CA SER A 179 -16.64 20.47 -17.86
C SER A 179 -18.02 19.96 -17.48
N GLY A 180 -18.79 19.46 -18.45
CA GLY A 180 -20.09 18.91 -18.14
C GLY A 180 -20.03 17.72 -17.20
N TRP A 181 -18.98 16.89 -17.35
CA TRP A 181 -18.80 15.77 -16.45
C TRP A 181 -18.17 16.19 -15.13
N LEU A 182 -17.31 17.20 -15.15
CA LEU A 182 -16.68 17.67 -13.91
C LEU A 182 -17.66 18.44 -13.04
N ARG A 183 -18.59 19.17 -13.66
CA ARG A 183 -19.63 19.88 -12.91
C ARG A 183 -20.77 18.96 -12.50
N GLN A 184 -20.89 17.79 -13.13
CA GLN A 184 -21.98 16.85 -12.86
C GLN A 184 -21.39 15.44 -12.92
N LYS A 185 -20.69 15.04 -11.85
CA LYS A 185 -19.98 13.77 -11.84
C LYS A 185 -20.91 12.56 -11.81
N ASP A 186 -22.20 12.75 -11.55
CA ASP A 186 -23.15 11.65 -11.68
C ASP A 186 -23.32 11.21 -13.12
N GLN A 187 -22.95 12.05 -14.08
CA GLN A 187 -23.06 11.76 -15.50
C GLN A 187 -21.75 11.28 -16.10
N LEU A 188 -20.82 10.82 -15.27
CA LEU A 188 -19.51 10.40 -15.74
C LEU A 188 -19.64 9.17 -16.63
N GLY A 189 -19.31 9.33 -17.92
CA GLY A 189 -19.40 8.25 -18.86
C GLY A 189 -20.80 7.88 -19.32
N LEU A 190 -21.82 8.54 -18.79
CA LEU A 190 -23.21 8.22 -19.11
C LEU A 190 -23.82 9.15 -20.14
N THR A 191 -23.66 10.46 -19.97
CA THR A 191 -24.26 11.43 -20.88
C THR A 191 -23.32 11.70 -22.05
N ARG A 192 -23.72 12.64 -22.90
CA ARG A 192 -23.06 12.92 -24.16
C ARG A 192 -22.47 14.32 -24.14
N LEU A 193 -21.24 14.45 -24.64
CA LEU A 193 -20.51 15.71 -24.55
C LEU A 193 -20.26 16.31 -25.92
N PRO A 194 -20.32 17.63 -26.06
CA PRO A 194 -20.05 18.26 -27.35
C PRO A 194 -18.56 18.31 -27.66
N GLU A 195 -18.25 18.50 -28.94
CA GLU A 195 -16.87 18.51 -29.41
C GLU A 195 -16.36 19.95 -29.49
N SER A 196 -16.21 20.55 -28.31
CA SER A 196 -15.66 21.89 -28.17
C SER A 196 -14.46 21.82 -27.24
N THR A 197 -13.33 22.36 -27.69
CA THR A 197 -12.10 22.27 -26.92
C THR A 197 -12.14 23.19 -25.71
N GLU A 198 -11.63 22.69 -24.59
CA GLU A 198 -11.56 23.45 -23.35
C GLU A 198 -10.12 23.50 -22.86
N HIS A 199 -9.85 24.45 -21.95
CA HIS A 199 -8.53 24.65 -21.38
C HIS A 199 -8.62 24.42 -19.88
N VAL A 200 -8.51 23.15 -19.49
CA VAL A 200 -8.58 22.76 -18.08
C VAL A 200 -7.17 22.78 -17.51
N LEU A 201 -7.02 23.42 -16.36
CA LEU A 201 -5.73 23.58 -15.69
C LEU A 201 -5.69 22.68 -14.47
N ILE A 202 -4.95 21.57 -14.55
CA ILE A 202 -4.72 20.71 -13.40
C ILE A 202 -3.65 21.35 -12.54
N TYR A 203 -3.98 21.66 -11.30
CA TYR A 203 -3.06 22.33 -10.39
C TYR A 203 -3.29 21.83 -8.97
N LEU A 204 -2.39 22.25 -8.07
CA LEU A 204 -2.44 21.85 -6.68
C LEU A 204 -2.49 23.09 -5.79
N PRO A 205 -3.46 23.19 -4.89
CA PRO A 205 -3.50 24.33 -3.95
C PRO A 205 -2.26 24.36 -3.07
N THR A 206 -2.01 23.25 -2.36
CA THR A 206 -0.79 23.07 -1.60
C THR A 206 -0.15 21.75 -2.03
N LEU A 207 1.12 21.58 -1.67
CA LEU A 207 1.83 20.37 -2.03
C LEU A 207 1.33 19.13 -1.30
N GLN A 208 0.44 19.29 -0.32
CA GLN A 208 -0.10 18.18 0.45
C GLN A 208 -1.63 18.20 0.41
N ALA A 209 -2.17 18.34 -0.79
CA ALA A 209 -3.62 18.41 -0.97
C ALA A 209 -4.00 17.76 -2.30
N ARG A 210 -5.29 17.50 -2.45
CA ARG A 210 -5.80 16.91 -3.68
C ARG A 210 -5.75 17.93 -4.82
N HIS A 211 -5.38 17.47 -6.00
CA HIS A 211 -5.31 18.35 -7.16
C HIS A 211 -6.70 18.78 -7.60
N LYS A 212 -6.77 19.95 -8.24
CA LYS A 212 -8.02 20.54 -8.68
C LYS A 212 -8.03 20.73 -10.19
N PHE A 213 -9.24 20.82 -10.74
CA PHE A 213 -9.44 21.19 -12.14
C PHE A 213 -10.11 22.55 -12.20
N THR A 214 -9.71 23.36 -13.18
CA THR A 214 -10.31 24.66 -13.40
C THR A 214 -10.11 25.04 -14.86
N LEU A 215 -11.06 25.79 -15.40
CA LEU A 215 -11.04 26.24 -16.79
C LEU A 215 -10.49 27.65 -16.89
N ILE A 216 -9.71 27.90 -17.93
CA ILE A 216 -9.13 29.22 -18.19
C ILE A 216 -9.44 29.62 -19.61
N ASN A 217 -9.31 30.92 -19.89
CA ASN A 217 -9.61 31.45 -21.20
C ASN A 217 -8.59 30.96 -22.23
N ALA A 218 -8.95 31.11 -23.51
CA ALA A 218 -7.98 30.88 -24.56
C ALA A 218 -6.84 31.90 -24.50
N GLN A 219 -7.14 33.11 -24.02
CA GLN A 219 -6.08 34.08 -23.76
C GLN A 219 -5.17 33.61 -22.63
N ALA A 220 -5.75 33.10 -21.55
CA ALA A 220 -4.94 32.55 -20.46
C ALA A 220 -4.14 31.34 -20.92
N ALA A 221 -4.69 30.55 -21.84
CA ALA A 221 -3.92 29.45 -22.41
C ALA A 221 -2.79 29.95 -23.29
N ARG A 222 -2.98 31.09 -23.95
CA ARG A 222 -1.89 31.70 -24.71
C ARG A 222 -0.80 32.22 -23.80
N LEU A 223 -1.18 32.78 -22.64
CA LEU A 223 -0.19 33.24 -21.68
C LEU A 223 0.61 32.07 -21.10
N TYR A 224 -0.02 30.91 -20.94
CA TYR A 224 0.67 29.76 -20.36
C TYR A 224 1.50 29.03 -21.41
N ASN A 225 1.01 28.93 -22.65
CA ASN A 225 1.75 28.23 -23.69
C ASN A 225 2.96 29.01 -24.17
N CYS A 226 2.97 30.33 -23.99
CA CYS A 226 4.12 31.15 -24.36
C CYS A 226 5.17 31.20 -23.26
N LEU A 227 4.96 30.50 -22.16
CA LEU A 227 5.93 30.43 -21.07
C LEU A 227 6.53 29.04 -20.94
N GLU A 228 6.63 28.30 -22.05
CA GLU A 228 7.30 27.01 -22.03
C GLU A 228 8.74 27.16 -21.55
N GLN A 229 9.47 28.09 -22.15
CA GLN A 229 10.73 28.56 -21.60
C GLN A 229 10.58 30.00 -21.14
N PRO A 230 11.14 30.36 -19.98
CA PRO A 230 10.87 31.68 -19.42
C PRO A 230 11.47 32.83 -20.21
N GLN A 231 11.12 32.93 -21.49
CA GLN A 231 11.51 34.08 -22.32
C GLN A 231 10.41 35.13 -22.19
N SER A 232 10.45 35.86 -21.07
CA SER A 232 9.29 36.66 -20.68
C SER A 232 9.65 37.97 -20.00
N ALA A 233 10.87 38.49 -20.20
CA ALA A 233 11.23 39.80 -19.68
C ALA A 233 10.59 40.86 -20.57
N ALA A 234 9.27 41.04 -20.38
CA ALA A 234 8.41 41.89 -21.19
C ALA A 234 8.29 41.39 -22.61
N GLY A 235 9.12 40.40 -22.99
CA GLY A 235 8.99 39.77 -24.30
C GLY A 235 7.79 38.86 -24.41
N LEU A 236 7.22 38.45 -23.27
CA LEU A 236 6.00 37.66 -23.30
C LEU A 236 4.86 38.42 -23.97
N PHE A 237 4.73 39.72 -23.65
CA PHE A 237 3.73 40.54 -24.32
C PHE A 237 4.08 40.73 -25.79
N MET A 238 5.37 40.72 -26.13
CA MET A 238 5.79 40.69 -27.53
C MET A 238 5.62 39.32 -28.15
N LEU A 239 5.55 38.27 -27.33
CA LEU A 239 5.43 36.89 -27.81
C LEU A 239 3.96 36.50 -27.79
N ILE A 240 3.21 37.01 -28.76
CA ILE A 240 1.85 36.55 -29.01
C ILE A 240 1.87 35.81 -30.34
N ASN A 241 3.02 35.24 -30.68
CA ASN A 241 3.22 34.47 -31.91
C ASN A 241 2.92 35.31 -33.15
N SER A 242 3.41 36.55 -33.14
CA SER A 242 3.26 37.50 -34.24
C SER A 242 1.80 37.86 -34.51
N ASP A 243 0.87 37.28 -33.74
CA ASP A 243 -0.52 37.65 -33.89
C ASP A 243 -0.79 39.03 -33.30
N SER A 244 -0.01 39.43 -32.30
CA SER A 244 -0.14 40.75 -31.70
C SER A 244 1.22 41.19 -31.19
N ALA A 245 1.60 42.43 -31.50
CA ALA A 245 2.81 43.04 -30.98
C ALA A 245 2.51 44.02 -29.86
N SER A 246 1.33 43.92 -29.25
CA SER A 246 0.89 44.86 -28.23
C SER A 246 1.23 44.36 -26.84
N VAL A 247 1.58 45.28 -25.96
CA VAL A 247 1.75 45.00 -24.54
C VAL A 247 0.54 45.60 -23.80
N PRO A 248 -0.38 44.77 -23.34
CA PRO A 248 -1.61 45.32 -22.75
C PRO A 248 -1.65 45.24 -21.23
N GLY A 249 -2.62 45.94 -20.63
CA GLY A 249 -2.83 45.85 -19.21
C GLY A 249 -4.28 45.50 -18.92
N SER A 250 -4.49 44.94 -17.72
CA SER A 250 -5.80 44.50 -17.26
C SER A 250 -6.36 43.38 -18.14
N ALA A 251 -6.38 43.58 -19.45
CA ALA A 251 -6.81 42.52 -20.36
C ALA A 251 -5.90 41.30 -20.26
N ASP A 252 -4.59 41.53 -20.15
CA ASP A 252 -3.62 40.45 -20.01
C ASP A 252 -3.00 40.36 -18.62
N LEU A 253 -3.01 41.44 -17.85
CA LEU A 253 -2.39 41.43 -16.52
C LEU A 253 -3.26 40.69 -15.51
N ALA A 254 -4.59 40.84 -15.61
CA ALA A 254 -5.47 40.15 -14.67
C ALA A 254 -5.42 38.64 -14.86
N LEU A 255 -5.20 38.17 -16.09
CA LEU A 255 -5.06 36.74 -16.33
C LEU A 255 -3.80 36.20 -15.68
N LEU A 256 -2.69 36.95 -15.76
CA LEU A 256 -1.46 36.53 -15.12
C LEU A 256 -1.59 36.52 -13.60
N ASP A 257 -2.45 37.40 -13.05
CA ASP A 257 -2.66 37.42 -11.61
C ASP A 257 -3.40 36.17 -11.15
N ARG A 258 -4.36 35.70 -11.94
CA ARG A 258 -5.09 34.49 -11.57
C ARG A 258 -4.21 33.26 -11.71
N LEU A 259 -3.33 33.23 -12.71
CA LEU A 259 -2.45 32.09 -12.89
C LEU A 259 -1.47 31.94 -11.74
N GLU A 260 -1.07 33.06 -11.12
CA GLU A 260 -0.19 32.98 -9.95
C GLU A 260 -0.96 32.47 -8.73
N GLN A 261 -2.23 32.87 -8.59
CA GLN A 261 -3.04 32.37 -7.49
C GLN A 261 -3.26 30.86 -7.59
N LEU A 262 -3.36 30.34 -8.81
CA LEU A 262 -3.51 28.91 -9.05
C LEU A 262 -2.19 28.17 -9.03
N ASN A 263 -1.10 28.82 -8.58
CA ASN A 263 0.23 28.21 -8.50
C ASN A 263 0.69 27.68 -9.86
N ALA A 264 0.30 28.36 -10.94
CA ALA A 264 0.68 27.95 -12.28
C ALA A 264 1.95 28.63 -12.77
N ILE A 265 2.08 29.94 -12.51
CA ILE A 265 3.24 30.70 -12.94
C ILE A 265 3.81 31.45 -11.75
N ARG A 266 5.09 31.85 -11.89
CA ARG A 266 5.78 32.65 -10.89
C ARG A 266 6.12 34.00 -11.49
N LYS A 267 5.59 35.07 -10.90
CA LYS A 267 5.87 36.40 -11.40
C LYS A 267 7.30 36.81 -11.05
N PRO A 268 7.91 37.67 -11.87
CA PRO A 268 9.27 38.13 -11.57
C PRO A 268 9.32 38.98 -10.29
N LEU A 269 9.73 38.36 -9.18
CA LEU A 269 9.84 39.06 -7.92
C LEU A 269 11.28 39.45 -7.63
N MET B 1 15.26 7.54 23.97
CA MET B 1 15.55 7.64 22.54
C MET B 1 16.80 6.84 22.10
N PRO B 2 17.93 6.95 22.81
CA PRO B 2 19.09 6.13 22.43
C PRO B 2 18.84 4.64 22.56
N ASP B 3 18.01 4.23 23.53
CA ASP B 3 17.59 2.84 23.64
C ASP B 3 16.17 2.83 24.17
N PHE B 4 15.25 2.23 23.40
CA PHE B 4 13.84 2.30 23.71
C PHE B 4 13.43 1.18 24.68
N VAL B 5 12.45 1.50 25.52
CA VAL B 5 11.93 0.56 26.50
C VAL B 5 10.45 0.30 26.18
N LYS B 6 9.93 -0.76 26.79
CA LYS B 6 8.53 -1.11 26.57
C LYS B 6 7.62 -0.06 27.18
N PRO B 7 6.66 0.48 26.43
CA PRO B 7 5.74 1.47 27.00
C PRO B 7 4.86 0.85 28.07
N ALA B 8 4.27 1.73 28.89
CA ALA B 8 3.37 1.29 29.93
C ALA B 8 2.11 0.66 29.31
N PRO B 9 1.44 -0.23 30.05
CA PRO B 9 0.20 -0.83 29.54
C PRO B 9 -0.82 0.23 29.17
N ILE B 10 -1.36 0.12 27.97
CA ILE B 10 -2.25 1.15 27.44
C ILE B 10 -3.67 0.66 27.18
N GLY B 11 -3.92 -0.64 27.15
CA GLY B 11 -5.26 -1.17 27.09
C GLY B 11 -5.53 -1.93 25.79
N VAL B 12 -6.78 -2.36 25.65
CA VAL B 12 -7.26 -3.13 24.51
C VAL B 12 -7.83 -2.19 23.47
N GLY B 13 -7.75 -2.60 22.20
CA GLY B 13 -8.30 -1.81 21.12
C GLY B 13 -8.65 -2.67 19.93
N ILE B 14 -9.22 -2.03 18.91
CA ILE B 14 -9.60 -2.70 17.67
C ILE B 14 -8.73 -2.18 16.54
N GLN B 15 -8.66 -2.96 15.47
CA GLN B 15 -7.67 -2.71 14.43
C GLN B 15 -8.04 -1.50 13.57
N TYR B 16 -9.34 -1.18 13.49
CA TYR B 16 -9.81 -0.06 12.66
C TYR B 16 -9.41 -0.24 11.20
N ASN B 17 -9.47 -1.49 10.74
CA ASN B 17 -9.20 -1.82 9.34
C ASN B 17 -10.38 -1.44 8.45
N PRO B 18 -11.64 -1.80 8.81
CA PRO B 18 -12.78 -1.31 8.04
C PRO B 18 -13.05 0.16 8.35
N GLU B 19 -12.75 1.03 7.39
CA GLU B 19 -12.88 2.46 7.63
C GLU B 19 -14.34 2.87 7.76
N ILE B 20 -15.16 2.53 6.77
CA ILE B 20 -16.57 2.91 6.79
C ILE B 20 -17.41 1.95 7.63
N LEU B 21 -16.95 0.72 7.83
CA LEU B 21 -17.79 -0.32 8.40
C LEU B 21 -17.76 -0.37 9.92
N ASP B 22 -16.68 0.05 10.56
CA ASP B 22 -16.55 -0.13 12.00
C ASP B 22 -16.95 1.09 12.83
N TRP B 23 -16.91 2.29 12.25
CA TRP B 23 -17.27 3.48 13.02
C TRP B 23 -18.76 3.55 13.31
N PHE B 24 -19.59 2.87 12.53
CA PHE B 24 -21.03 2.85 12.78
C PHE B 24 -21.36 2.01 14.01
N PRO B 25 -20.79 0.80 14.18
CA PRO B 25 -21.00 0.08 15.45
C PRO B 25 -20.00 0.48 16.53
N PHE B 26 -19.45 1.69 16.46
CA PHE B 26 -18.56 2.15 17.52
C PHE B 26 -19.31 2.26 18.82
N GLU B 27 -18.76 1.67 19.88
CA GLU B 27 -19.46 1.50 21.15
C GLU B 27 -18.75 2.29 22.25
N ASP B 28 -19.54 3.04 23.00
CA ASP B 28 -19.11 3.70 24.24
C ASP B 28 -17.80 4.46 24.09
N ILE B 29 -16.92 4.34 25.08
CA ILE B 29 -15.68 5.09 25.13
C ILE B 29 -14.55 4.19 25.63
N GLN B 30 -14.83 2.89 25.77
CA GLN B 30 -13.86 1.99 26.37
C GLN B 30 -12.74 1.58 25.43
N VAL B 31 -12.84 1.91 24.14
CA VAL B 31 -11.81 1.48 23.18
C VAL B 31 -10.50 2.21 23.44
N ASP B 32 -10.55 3.54 23.54
CA ASP B 32 -9.41 4.38 23.88
C ASP B 32 -8.29 4.32 22.85
N ILE B 33 -7.95 3.14 22.36
CA ILE B 33 -6.86 2.96 21.40
C ILE B 33 -7.37 2.15 20.22
N LEU B 34 -6.96 2.55 19.01
CA LEU B 34 -7.22 1.78 17.80
C LEU B 34 -5.95 1.74 16.96
N GLU B 35 -5.91 0.79 16.03
CA GLU B 35 -4.76 0.62 15.16
C GLU B 35 -5.00 1.34 13.83
N ILE B 36 -3.91 1.60 13.12
CA ILE B 36 -3.95 2.27 11.83
C ILE B 36 -2.99 1.56 10.89
N LEU B 37 -3.51 0.97 9.82
CA LEU B 37 -2.67 0.36 8.80
C LEU B 37 -2.00 1.46 7.99
N LEU B 38 -0.68 1.59 8.10
CA LEU B 38 0.04 2.67 7.44
C LEU B 38 -0.01 2.56 5.92
N ASP B 39 -0.28 1.37 5.38
CA ASP B 39 -0.32 1.21 3.93
C ASP B 39 -1.58 1.83 3.34
N ASN B 40 -2.70 1.81 4.07
CA ASN B 40 -3.94 2.36 3.54
C ASN B 40 -3.89 3.87 3.44
N ILE B 41 -3.08 4.53 4.28
CA ILE B 41 -3.03 5.98 4.33
C ILE B 41 -1.81 6.56 3.63
N MET B 42 -0.95 5.72 3.05
CA MET B 42 0.25 6.21 2.40
C MET B 42 -0.03 6.63 0.96
N ALA B 43 0.69 7.63 0.51
CA ALA B 43 0.62 8.15 -0.84
C ALA B 43 1.68 7.50 -1.72
N PRO B 44 1.49 7.49 -3.03
CA PRO B 44 2.48 6.86 -3.92
C PRO B 44 3.87 7.47 -3.76
N MET B 45 4.90 6.64 -3.97
CA MET B 45 6.28 7.09 -3.83
C MET B 45 6.78 7.83 -5.06
N ASP B 46 6.17 7.63 -6.23
CA ASP B 46 6.43 8.48 -7.40
C ASP B 46 5.65 9.79 -7.36
N GLY B 47 5.29 10.25 -6.18
CA GLY B 47 4.67 11.54 -6.03
C GLY B 47 5.30 12.32 -4.90
N PRO B 48 4.93 13.59 -4.74
CA PRO B 48 5.56 14.43 -3.71
C PRO B 48 4.90 14.34 -2.34
N GLN B 49 3.83 13.56 -2.21
CA GLN B 49 3.01 13.57 -1.00
C GLN B 49 3.31 12.36 -0.13
N ILE B 50 3.27 12.55 1.18
CA ILE B 50 3.53 11.49 2.14
C ILE B 50 2.26 10.72 2.47
N ILE B 51 1.21 11.42 2.85
CA ILE B 51 -0.06 10.82 3.25
C ILE B 51 -1.12 11.19 2.23
N LYS B 52 -2.08 10.28 2.03
CA LYS B 52 -3.22 10.57 1.19
C LYS B 52 -3.95 11.79 1.75
N PRO B 53 -4.20 12.84 0.93
CA PRO B 53 -4.87 14.03 1.45
C PRO B 53 -6.26 13.75 1.97
N SER B 54 -6.94 12.70 1.48
CA SER B 54 -8.23 12.35 2.02
C SER B 54 -8.10 11.76 3.43
N ALA B 55 -7.03 11.01 3.68
CA ALA B 55 -6.78 10.46 5.01
C ALA B 55 -6.19 11.48 5.97
N GLN B 56 -5.76 12.64 5.48
CA GLN B 56 -5.18 13.65 6.36
C GLN B 56 -6.21 14.20 7.34
N ALA B 57 -7.46 14.39 6.88
CA ALA B 57 -8.51 14.90 7.76
C ALA B 57 -9.05 13.81 8.69
N MET B 58 -9.01 12.55 8.26
CA MET B 58 -9.52 11.47 9.11
C MET B 58 -8.62 11.24 10.32
N ILE B 59 -7.31 11.35 10.13
CA ILE B 59 -6.39 11.19 11.25
C ILE B 59 -6.56 12.31 12.26
N GLU B 60 -6.92 13.52 11.80
CA GLU B 60 -7.18 14.62 12.71
C GLU B 60 -8.39 14.34 13.59
N ARG B 61 -9.42 13.71 13.02
CA ARG B 61 -10.63 13.43 13.79
C ARG B 61 -10.38 12.42 14.90
N LEU B 62 -9.45 11.50 14.69
CA LEU B 62 -9.25 10.37 15.61
C LEU B 62 -8.04 10.51 16.50
N GLY B 63 -7.01 11.25 16.06
CA GLY B 63 -5.85 11.47 16.90
C GLY B 63 -6.16 12.18 18.20
N GLN B 64 -7.27 12.90 18.25
CA GLN B 64 -7.69 13.59 19.47
C GLN B 64 -8.50 12.69 20.39
N LYS B 65 -9.40 11.88 19.82
CA LYS B 65 -10.28 11.05 20.65
C LYS B 65 -9.57 9.79 21.12
N PHE B 66 -8.81 9.13 20.24
CA PHE B 66 -8.21 7.85 20.55
C PHE B 66 -6.72 7.88 20.22
N THR B 67 -5.95 7.12 20.99
CA THR B 67 -4.57 6.82 20.61
C THR B 67 -4.59 5.87 19.43
N LEU B 68 -3.73 6.14 18.45
CA LEU B 68 -3.74 5.39 17.19
C LEU B 68 -2.36 4.77 16.97
N LEU B 69 -2.34 3.45 16.86
CA LEU B 69 -1.11 2.68 16.66
C LEU B 69 -0.75 2.61 15.19
N ALA B 70 0.49 2.19 14.93
CA ALA B 70 1.01 2.03 13.59
C ALA B 70 1.24 0.57 13.28
N HIS B 71 1.03 0.20 12.02
CA HIS B 71 1.24 -1.17 11.55
C HIS B 71 1.87 -1.12 10.17
N SER B 72 3.02 -1.76 10.00
CA SER B 72 3.78 -1.71 8.77
C SER B 72 3.54 -3.00 7.98
N ASN B 73 2.69 -2.90 6.97
CA ASN B 73 2.49 -3.98 6.00
C ASN B 73 2.95 -3.50 4.63
N TYR B 74 3.50 -4.44 3.85
CA TYR B 74 3.96 -4.17 2.49
C TYR B 74 5.06 -3.12 2.46
N GLY B 75 5.79 -2.96 3.56
CA GLY B 75 6.83 -1.95 3.65
C GLY B 75 8.18 -2.34 3.14
N CYS B 76 8.40 -3.63 2.86
CA CYS B 76 9.68 -4.14 2.35
C CYS B 76 10.81 -3.83 3.32
N ASP B 77 10.57 -4.12 4.61
CA ASP B 77 11.56 -3.81 5.64
C ASP B 77 12.71 -4.82 5.62
N PHE B 78 12.39 -6.11 5.53
CA PHE B 78 13.39 -7.17 5.60
C PHE B 78 13.75 -7.70 4.22
N GLY B 79 13.81 -6.83 3.21
CA GLY B 79 14.17 -7.23 1.88
C GLY B 79 15.67 -7.10 1.63
N PHE B 80 16.03 -7.28 0.36
CA PHE B 80 17.43 -7.19 -0.05
C PHE B 80 17.79 -5.85 -0.68
N SER B 81 16.79 -5.07 -1.09
CA SER B 81 17.06 -3.72 -1.57
C SER B 81 17.59 -2.85 -0.43
N ALA B 82 18.25 -1.75 -0.81
CA ALA B 82 18.82 -0.85 0.17
C ALA B 82 17.74 -0.30 1.10
N LEU B 83 18.06 -0.20 2.39
CA LEU B 83 17.08 0.23 3.37
C LEU B 83 16.58 1.64 3.07
N GLU B 84 17.46 2.51 2.55
CA GLU B 84 17.05 3.88 2.25
C GLU B 84 16.05 3.91 1.10
N GLU B 85 16.06 2.91 0.22
CA GLU B 85 15.17 2.88 -0.93
C GLU B 85 13.81 2.27 -0.62
N THR B 86 13.70 1.53 0.47
CA THR B 86 12.46 0.82 0.78
C THR B 86 11.35 1.80 1.16
N ALA B 87 10.11 1.36 0.96
CA ALA B 87 8.94 2.16 1.33
C ALA B 87 8.81 2.36 2.83
N ALA B 88 9.56 1.61 3.64
CA ALA B 88 9.50 1.78 5.08
C ALA B 88 10.03 3.12 5.51
N VAL B 89 11.28 3.43 5.14
CA VAL B 89 11.88 4.70 5.54
C VAL B 89 11.33 5.86 4.74
N GLN B 90 10.77 5.60 3.56
CA GLN B 90 10.33 6.66 2.66
C GLN B 90 8.91 7.12 2.95
N ARG B 91 8.09 6.29 3.59
CA ARG B 91 6.68 6.62 3.79
C ARG B 91 6.19 6.15 5.15
N HIS B 92 6.56 4.93 5.54
CA HIS B 92 6.04 4.36 6.79
C HIS B 92 6.65 5.03 8.01
N VAL B 93 7.94 5.36 7.94
CA VAL B 93 8.58 6.03 9.07
C VAL B 93 8.02 7.43 9.31
N PRO B 94 7.86 8.29 8.29
CA PRO B 94 7.21 9.58 8.56
C PRO B 94 5.74 9.45 8.92
N LEU B 95 5.05 8.42 8.44
CA LEU B 95 3.64 8.26 8.76
C LEU B 95 3.44 7.95 10.24
N ALA B 96 4.28 7.07 10.80
CA ALA B 96 4.20 6.80 12.23
C ALA B 96 4.54 8.05 13.06
N LYS B 97 5.44 8.88 12.55
CA LYS B 97 5.78 10.13 13.24
C LYS B 97 4.66 11.15 13.07
N MET B 98 4.01 11.18 11.90
CA MET B 98 2.86 12.06 11.70
C MET B 98 1.69 11.63 12.58
N LEU B 99 1.51 10.34 12.77
CA LEU B 99 0.40 9.82 13.57
C LEU B 99 0.63 9.97 15.07
N ASN B 100 1.84 10.35 15.49
CA ASN B 100 2.21 10.43 16.90
C ASN B 100 1.97 9.09 17.58
N SER B 101 2.44 8.02 16.94
CA SER B 101 2.20 6.66 17.42
C SER B 101 3.25 6.28 18.46
N PRO B 102 2.85 5.60 19.54
CA PRO B 102 3.85 5.21 20.55
C PRO B 102 4.84 4.19 20.05
N TRP B 103 4.39 3.21 19.28
CA TRP B 103 5.28 2.22 18.66
C TRP B 103 4.65 1.79 17.34
N VAL B 104 5.39 0.97 16.60
CA VAL B 104 4.97 0.53 15.28
C VAL B 104 5.25 -0.96 15.14
N ALA B 105 4.25 -1.71 14.69
CA ALA B 105 4.42 -3.12 14.40
C ALA B 105 4.90 -3.30 12.95
N ASN B 106 5.39 -4.50 12.66
CA ASN B 106 5.99 -4.77 11.35
C ASN B 106 5.96 -6.26 11.10
N HIS B 107 5.36 -6.66 9.98
CA HIS B 107 5.27 -8.08 9.65
C HIS B 107 6.64 -8.63 9.25
N CYS B 108 6.78 -9.94 9.38
CA CYS B 108 8.06 -10.63 9.23
C CYS B 108 8.05 -11.45 7.95
N PHE B 109 8.30 -10.77 6.83
CA PHE B 109 8.35 -11.44 5.53
C PHE B 109 9.50 -10.91 4.67
N TYR B 110 9.28 -10.87 3.36
CA TYR B 110 10.27 -10.40 2.40
C TYR B 110 9.62 -9.38 1.48
N GLY B 111 10.42 -8.42 1.02
CA GLY B 111 9.93 -7.41 0.10
C GLY B 111 11.03 -6.56 -0.51
N ASP B 112 11.03 -6.44 -1.84
CA ASP B 112 12.08 -5.71 -2.57
C ASP B 112 11.42 -4.76 -3.55
N GLN B 113 11.07 -3.55 -3.07
CA GLN B 113 10.45 -2.52 -3.88
C GLN B 113 9.23 -3.04 -4.62
N SER B 114 8.41 -3.82 -3.90
CA SER B 114 7.20 -4.40 -4.46
C SER B 114 6.32 -4.84 -3.29
N TRP B 115 5.01 -4.59 -3.42
CA TRP B 115 4.04 -5.06 -2.45
C TRP B 115 3.12 -6.08 -3.10
N LEU B 116 2.49 -6.89 -2.26
CA LEU B 116 1.64 -8.04 -2.57
C LEU B 116 2.49 -9.28 -2.89
N ASP B 117 3.81 -9.16 -2.91
CA ASP B 117 4.71 -10.31 -2.92
C ASP B 117 5.27 -10.61 -1.53
N ILE B 118 4.75 -9.93 -0.50
CA ILE B 118 5.30 -10.04 0.84
C ILE B 118 4.83 -11.34 1.49
N TRP B 119 3.53 -11.61 1.45
CA TRP B 119 2.97 -12.75 2.15
C TRP B 119 3.48 -14.07 1.56
N SER B 120 3.32 -15.15 2.33
CA SER B 120 3.70 -16.50 1.95
C SER B 120 5.21 -16.65 1.73
N SER B 121 6.00 -15.75 2.32
CA SER B 121 7.46 -15.81 2.21
C SER B 121 8.07 -15.44 3.56
N PRO B 122 8.02 -16.35 4.53
CA PRO B 122 8.67 -16.06 5.82
C PRO B 122 10.18 -15.95 5.66
N ILE B 123 10.78 -15.16 6.54
CA ILE B 123 12.23 -14.97 6.49
C ILE B 123 12.93 -16.29 6.71
N GLN B 124 14.02 -16.51 5.98
CA GLN B 124 14.78 -17.73 6.11
C GLN B 124 15.34 -17.86 7.52
N PHE B 125 14.87 -18.88 8.26
CA PHE B 125 15.34 -19.08 9.62
C PHE B 125 16.78 -19.59 9.62
N SER B 126 17.73 -18.67 9.55
CA SER B 126 19.14 -19.02 9.51
C SER B 126 19.95 -17.93 10.20
N ALA B 127 21.07 -18.32 10.81
CA ALA B 127 21.91 -17.34 11.51
C ALA B 127 22.44 -16.29 10.55
N ALA B 128 22.58 -16.63 9.27
CA ALA B 128 22.97 -15.63 8.28
C ALA B 128 21.89 -14.57 8.11
N GLU B 129 20.63 -14.99 8.02
CA GLU B 129 19.53 -14.03 7.91
C GLU B 129 19.24 -13.34 9.23
N VAL B 130 19.59 -13.97 10.36
CA VAL B 130 19.44 -13.31 11.66
C VAL B 130 20.34 -12.07 11.72
N ALA B 131 21.60 -12.22 11.32
CA ALA B 131 22.53 -11.09 11.38
C ALA B 131 22.13 -10.00 10.41
N ARG B 132 21.63 -10.37 9.22
CA ARG B 132 21.26 -9.36 8.23
C ARG B 132 20.00 -8.61 8.63
N CYS B 133 18.97 -9.34 9.07
CA CYS B 133 17.70 -8.69 9.39
C CYS B 133 17.76 -7.94 10.71
N ALA B 134 18.60 -8.38 11.65
CA ALA B 134 18.76 -7.63 12.89
C ALA B 134 19.45 -6.30 12.66
N ASP B 135 20.39 -6.26 11.72
CA ASP B 135 21.05 -4.99 11.39
C ASP B 135 20.06 -4.01 10.77
N ARG B 136 19.13 -4.52 9.95
CA ARG B 136 18.12 -3.65 9.35
C ARG B 136 17.08 -3.22 10.38
N ALA B 137 16.63 -4.15 11.23
CA ALA B 137 15.63 -3.81 12.23
C ALA B 137 16.17 -2.84 13.27
N GLN B 138 17.45 -2.96 13.62
CA GLN B 138 18.03 -2.05 14.60
C GLN B 138 18.21 -0.65 14.01
N SER B 139 18.56 -0.57 12.72
CA SER B 139 18.70 0.72 12.07
C SER B 139 17.34 1.33 11.74
N LEU B 140 16.37 0.50 11.34
CA LEU B 140 15.04 1.01 11.03
C LEU B 140 14.35 1.56 12.28
N GLN B 141 14.59 0.94 13.44
CA GLN B 141 14.03 1.47 14.69
C GLN B 141 14.61 2.83 15.02
N THR B 142 15.89 3.04 14.71
CA THR B 142 16.51 4.35 14.95
C THR B 142 15.80 5.44 14.15
N LEU B 143 15.38 5.13 12.93
CA LEU B 143 14.68 6.12 12.11
C LEU B 143 13.25 6.33 12.58
N TYR B 144 12.61 5.28 13.11
CA TYR B 144 11.27 5.42 13.63
C TYR B 144 11.23 6.30 14.88
N GLY B 145 12.31 6.30 15.66
CA GLY B 145 12.30 7.01 16.93
C GLY B 145 11.36 6.44 17.95
N MET B 146 10.93 5.20 17.77
CA MET B 146 9.95 4.55 18.64
C MET B 146 10.23 3.07 18.63
N PRO B 147 9.73 2.33 19.63
CA PRO B 147 9.92 0.87 19.63
C PRO B 147 9.35 0.23 18.39
N LEU B 148 10.06 -0.77 17.88
CA LEU B 148 9.68 -1.47 16.66
C LEU B 148 9.49 -2.95 16.98
N ALA B 149 8.24 -3.41 16.88
CA ALA B 149 7.90 -4.80 17.12
C ALA B 149 7.73 -5.54 15.80
N HIS B 150 7.93 -6.86 15.85
CA HIS B 150 7.84 -7.71 14.68
C HIS B 150 6.70 -8.72 14.89
N GLU B 151 5.72 -8.69 14.00
CA GLU B 151 4.58 -9.58 14.10
C GLU B 151 4.94 -10.96 13.56
N ASN B 152 4.70 -11.99 14.36
CA ASN B 152 4.97 -13.36 13.92
C ASN B 152 4.02 -13.75 12.81
N ALA B 153 4.51 -14.56 11.88
CA ALA B 153 3.84 -14.85 10.63
C ALA B 153 3.29 -16.28 10.61
N ALA B 154 2.16 -16.45 9.95
CA ALA B 154 1.58 -17.76 9.68
C ALA B 154 1.75 -18.08 8.21
N TYR B 155 2.15 -19.32 7.92
CA TYR B 155 2.50 -19.71 6.56
C TYR B 155 2.23 -21.20 6.39
N TYR B 156 2.52 -21.70 5.19
CA TYR B 156 2.35 -23.12 4.87
C TYR B 156 3.66 -23.85 4.66
N LEU B 157 4.72 -23.15 4.23
CA LEU B 157 6.04 -23.74 4.13
C LEU B 157 7.06 -22.72 4.62
N GLU B 158 7.99 -23.17 5.45
CA GLU B 158 9.09 -22.30 5.84
C GLU B 158 10.05 -22.12 4.66
N CYS B 159 10.82 -21.03 4.72
CA CYS B 159 11.71 -20.71 3.62
C CYS B 159 12.77 -21.81 3.48
N PRO B 160 13.10 -22.22 2.26
CA PRO B 160 14.13 -23.26 2.07
C PRO B 160 15.48 -22.78 2.58
N GLY B 161 16.15 -23.65 3.32
CA GLY B 161 17.40 -23.31 3.96
C GLY B 161 17.29 -22.92 5.41
N ALA B 162 16.26 -23.37 6.12
CA ALA B 162 16.07 -23.00 7.52
C ALA B 162 17.00 -23.82 8.41
N GLU B 163 17.79 -23.12 9.22
CA GLU B 163 18.73 -23.76 10.13
C GLU B 163 18.20 -23.86 11.56
N MET B 164 17.02 -23.29 11.83
CA MET B 164 16.48 -23.27 13.18
C MET B 164 14.97 -23.15 13.10
N ARG B 165 14.32 -23.16 14.26
CA ARG B 165 12.87 -23.03 14.34
C ARG B 165 12.47 -21.55 14.45
N GLU B 166 11.18 -21.29 14.26
CA GLU B 166 10.69 -19.92 14.26
C GLU B 166 10.91 -19.25 15.61
N ALA B 167 10.68 -19.98 16.70
CA ALA B 167 10.86 -19.41 18.02
C ALA B 167 12.32 -19.04 18.28
N GLU B 168 13.25 -19.92 17.87
CA GLU B 168 14.66 -19.60 18.03
C GLU B 168 15.07 -18.45 17.12
N PHE B 169 14.48 -18.36 15.94
CA PHE B 169 14.80 -17.26 15.02
C PHE B 169 14.39 -15.92 15.61
N LEU B 170 13.16 -15.83 16.11
CA LEU B 170 12.68 -14.57 16.66
C LEU B 170 13.42 -14.21 17.95
N ALA B 171 13.84 -15.22 18.72
CA ALA B 171 14.60 -14.94 19.93
C ALA B 171 15.99 -14.40 19.62
N ARG B 172 16.67 -15.01 18.64
CA ARG B 172 17.98 -14.52 18.23
C ARG B 172 17.89 -13.20 17.48
N LEU B 173 16.74 -12.90 16.88
CA LEU B 173 16.60 -11.68 16.10
C LEU B 173 16.46 -10.45 17.00
N VAL B 174 15.54 -10.50 17.97
CA VAL B 174 15.31 -9.35 18.84
C VAL B 174 16.43 -9.19 19.87
N GLN B 175 17.21 -10.24 20.12
CA GLN B 175 18.31 -10.12 21.07
C GLN B 175 19.48 -9.36 20.45
N ARG B 176 19.73 -9.59 19.16
CA ARG B 176 20.84 -8.92 18.48
C ARG B 176 20.48 -7.50 18.06
N SER B 177 19.22 -7.26 17.67
CA SER B 177 18.79 -5.95 17.21
C SER B 177 18.24 -5.07 18.32
N GLY B 178 17.86 -5.64 19.46
CA GLY B 178 17.27 -4.87 20.52
C GLY B 178 15.85 -4.43 20.26
N THR B 179 15.21 -4.92 19.21
CA THR B 179 13.83 -4.57 18.90
C THR B 179 12.89 -5.40 19.78
N PHE B 180 11.61 -5.37 19.45
CA PHE B 180 10.58 -6.02 20.27
C PHE B 180 9.79 -7.01 19.43
N LEU B 181 8.72 -7.55 20.02
CA LEU B 181 7.92 -8.59 19.40
C LEU B 181 6.45 -8.22 19.43
N HIS B 182 5.74 -8.60 18.37
CA HIS B 182 4.30 -8.44 18.26
C HIS B 182 3.69 -9.83 18.11
N LEU B 183 3.00 -10.30 19.13
CA LEU B 183 2.57 -11.69 19.20
C LEU B 183 1.15 -11.81 18.64
N ASP B 184 1.03 -12.38 17.45
CA ASP B 184 -0.26 -12.71 16.86
C ASP B 184 -0.59 -14.15 17.25
N LEU B 185 -1.57 -14.32 18.13
CA LEU B 185 -1.84 -15.63 18.70
C LEU B 185 -2.53 -16.56 17.72
N HIS B 186 -3.34 -16.01 16.80
CA HIS B 186 -4.01 -16.87 15.82
C HIS B 186 -3.03 -17.39 14.78
N ASN B 187 -1.98 -16.62 14.47
CA ASN B 187 -0.93 -17.13 13.60
C ASN B 187 -0.17 -18.26 14.26
N ILE B 188 0.04 -18.17 15.57
CA ILE B 188 0.65 -19.27 16.32
C ILE B 188 -0.25 -20.49 16.28
N TYR B 189 -1.56 -20.27 16.43
CA TYR B 189 -2.51 -21.39 16.41
C TYR B 189 -2.64 -21.99 15.02
N THR B 190 -2.53 -21.18 13.97
CA THR B 190 -2.59 -21.70 12.60
C THR B 190 -1.37 -22.55 12.29
N ASN B 191 -0.18 -22.08 12.69
CA ASN B 191 1.04 -22.85 12.46
C ASN B 191 1.06 -24.15 13.23
N HIS B 192 0.30 -24.24 14.32
CA HIS B 192 0.27 -25.49 15.10
C HIS B 192 -0.51 -26.57 14.37
N LEU B 193 -1.59 -26.20 13.68
CA LEU B 193 -2.44 -27.19 13.04
C LEU B 193 -1.91 -27.60 11.66
N ASN B 194 -1.27 -26.68 10.94
CA ASN B 194 -0.94 -26.90 9.53
C ASN B 194 0.54 -27.13 9.29
N LEU B 195 1.34 -27.33 10.33
CA LEU B 195 2.77 -27.56 10.16
C LEU B 195 3.18 -28.84 10.89
N LYS B 196 4.10 -29.57 10.28
CA LYS B 196 4.60 -30.83 10.84
C LYS B 196 5.52 -30.53 12.02
N GLY B 197 5.02 -30.76 13.24
CA GLY B 197 5.82 -30.60 14.43
C GLY B 197 6.03 -29.15 14.85
N PHE B 198 4.94 -28.46 15.17
CA PHE B 198 4.99 -27.09 15.69
C PHE B 198 4.65 -27.16 17.17
N ASP B 199 5.68 -27.23 18.01
CA ASP B 199 5.49 -27.36 19.45
C ASP B 199 4.93 -26.05 19.99
N LEU B 200 3.64 -26.05 20.31
CA LEU B 200 2.99 -24.85 20.83
C LEU B 200 3.56 -24.46 22.19
N LYS B 201 3.94 -25.44 23.01
CA LYS B 201 4.45 -25.17 24.34
C LYS B 201 5.89 -24.66 24.30
N ASP B 202 6.74 -25.28 23.48
CA ASP B 202 8.11 -24.84 23.36
C ASP B 202 8.19 -23.45 22.72
N TYR B 203 7.22 -23.11 21.87
CA TYR B 203 7.22 -21.79 21.23
C TYR B 203 7.08 -20.68 22.26
N MET B 204 6.25 -20.90 23.28
CA MET B 204 6.05 -19.87 24.29
C MET B 204 7.25 -19.77 25.24
N ASP B 205 7.89 -20.90 25.53
CA ASP B 205 9.03 -20.90 26.44
C ASP B 205 10.30 -20.35 25.80
N THR B 206 10.39 -20.40 24.47
CA THR B 206 11.60 -19.94 23.79
C THR B 206 11.59 -18.43 23.53
N LEU B 207 10.41 -17.84 23.38
CA LEU B 207 10.34 -16.42 23.05
C LEU B 207 10.68 -15.58 24.29
N PRO B 208 11.45 -14.50 24.12
CA PRO B 208 11.61 -13.54 25.21
C PRO B 208 10.32 -12.76 25.43
N LEU B 209 9.43 -13.30 26.28
CA LEU B 209 8.10 -12.73 26.44
C LEU B 209 8.15 -11.32 27.03
N ASP B 210 9.24 -10.94 27.68
CA ASP B 210 9.40 -9.57 28.14
C ASP B 210 9.72 -8.61 27.01
N LYS B 211 9.82 -9.09 25.76
CA LYS B 211 9.98 -8.25 24.59
C LYS B 211 8.68 -8.08 23.82
N VAL B 212 7.58 -8.68 24.29
CA VAL B 212 6.29 -8.60 23.62
C VAL B 212 5.63 -7.28 24.01
N ILE B 213 5.47 -6.38 23.05
CA ILE B 213 4.83 -5.10 23.31
C ILE B 213 3.33 -5.16 23.06
N SER B 214 2.93 -5.76 21.94
CA SER B 214 1.52 -5.81 21.56
C SER B 214 1.10 -7.24 21.27
N VAL B 215 -0.20 -7.48 21.37
CA VAL B 215 -0.78 -8.80 21.14
C VAL B 215 -1.91 -8.66 20.13
N HIS B 216 -2.11 -9.70 19.33
CA HIS B 216 -3.18 -9.71 18.32
C HIS B 216 -4.05 -10.94 18.52
N LEU B 217 -5.36 -10.72 18.60
CA LEU B 217 -6.35 -11.79 18.75
C LEU B 217 -7.29 -11.73 17.56
N ALA B 218 -7.27 -12.78 16.74
CA ALA B 218 -8.10 -12.85 15.55
C ALA B 218 -8.62 -14.28 15.38
N GLY B 219 -9.43 -14.49 14.34
CA GLY B 219 -9.97 -15.79 14.07
C GLY B 219 -10.21 -16.05 12.59
N GLY B 220 -9.64 -17.15 12.09
CA GLY B 220 -9.84 -17.59 10.73
C GLY B 220 -10.59 -18.91 10.70
N SER B 221 -10.97 -19.31 9.49
CA SER B 221 -11.75 -20.51 9.29
C SER B 221 -11.17 -21.34 8.14
N TRP B 222 -11.63 -22.58 8.06
CA TRP B 222 -11.24 -23.49 6.99
C TRP B 222 -12.33 -24.54 6.84
N HIS B 223 -12.55 -24.99 5.61
CA HIS B 223 -13.66 -25.90 5.31
C HIS B 223 -13.23 -26.80 4.16
N GLY B 224 -12.69 -27.97 4.52
CA GLY B 224 -12.22 -28.95 3.56
C GLY B 224 -10.70 -29.06 3.50
N GLY B 225 -10.00 -27.96 3.77
CA GLY B 225 -8.55 -27.96 3.72
C GLY B 225 -7.98 -27.25 2.52
N LEU B 226 -7.85 -25.92 2.62
CA LEU B 226 -7.31 -25.14 1.51
C LEU B 226 -6.61 -23.88 2.00
N TYR B 227 -7.38 -22.90 2.46
CA TYR B 227 -6.85 -21.61 2.87
C TYR B 227 -7.25 -21.32 4.32
N HIS B 228 -6.43 -20.50 4.98
CA HIS B 228 -6.64 -20.17 6.38
C HIS B 228 -6.23 -18.72 6.62
N ASP B 229 -6.20 -18.32 7.88
CA ASP B 229 -5.85 -16.96 8.30
C ASP B 229 -6.70 -15.92 7.58
N TRP B 230 -7.96 -16.27 7.28
CA TRP B 230 -8.88 -15.32 6.66
C TRP B 230 -9.14 -14.12 7.56
N HIS B 231 -8.87 -14.24 8.86
CA HIS B 231 -9.08 -13.16 9.82
C HIS B 231 -10.54 -12.74 9.85
N ASP B 232 -11.44 -13.71 10.04
CA ASP B 232 -12.86 -13.40 10.04
C ASP B 232 -13.62 -14.17 11.10
N ALA B 233 -13.34 -15.46 11.24
CA ALA B 233 -14.09 -16.29 12.17
C ALA B 233 -13.97 -15.76 13.60
N CYS B 234 -14.93 -16.15 14.43
CA CYS B 234 -14.90 -15.77 15.83
C CYS B 234 -13.62 -16.30 16.47
N VAL B 235 -13.12 -15.54 17.44
CA VAL B 235 -11.86 -15.86 18.12
C VAL B 235 -11.97 -17.25 18.74
N PRO B 236 -11.24 -18.23 18.23
CA PRO B 236 -11.41 -19.61 18.72
C PRO B 236 -10.89 -19.77 20.14
N GLU B 237 -11.41 -20.80 20.80
CA GLU B 237 -11.05 -21.04 22.19
C GLU B 237 -9.57 -21.37 22.39
N PRO B 238 -8.91 -22.18 21.54
CA PRO B 238 -7.46 -22.36 21.72
C PRO B 238 -6.67 -21.07 21.67
N VAL B 239 -7.12 -20.08 20.90
CA VAL B 239 -6.46 -18.78 20.90
C VAL B 239 -6.75 -18.05 22.21
N TRP B 240 -7.98 -18.19 22.74
CA TRP B 240 -8.29 -17.60 24.03
C TRP B 240 -7.44 -18.19 25.14
N ASP B 241 -7.08 -19.48 25.04
CA ASP B 241 -6.20 -20.09 26.02
C ASP B 241 -4.83 -19.43 26.01
N LEU B 242 -4.33 -19.08 24.83
CA LEU B 242 -3.02 -18.43 24.73
C LEU B 242 -3.07 -17.00 25.24
N TYR B 243 -4.22 -16.32 25.12
CA TYR B 243 -4.32 -14.96 25.61
C TYR B 243 -4.29 -14.92 27.13
N GLU B 244 -4.99 -15.84 27.79
CA GLU B 244 -4.93 -15.91 29.25
C GLU B 244 -3.59 -16.43 29.73
N ASP B 245 -2.94 -17.32 28.95
CA ASP B 245 -1.65 -17.85 29.34
C ASP B 245 -0.55 -16.82 29.19
N LEU B 246 -0.63 -15.99 28.13
CA LEU B 246 0.41 -14.99 27.90
C LEU B 246 0.39 -13.91 28.97
N LEU B 247 -0.80 -13.51 29.42
CA LEU B 247 -0.92 -12.47 30.44
C LEU B 247 -0.43 -12.94 31.81
N SER B 248 -0.27 -14.25 32.00
CA SER B 248 0.24 -14.79 33.27
C SER B 248 1.75 -14.97 33.28
N ARG B 249 2.42 -14.76 32.15
CA ARG B 249 3.86 -14.96 32.05
C ARG B 249 4.63 -13.68 31.70
N ALA B 250 3.98 -12.70 31.08
CA ALA B 250 4.64 -11.45 30.72
C ALA B 250 3.61 -10.33 30.84
N GLN B 251 4.04 -9.12 30.44
CA GLN B 251 3.21 -7.93 30.53
C GLN B 251 3.34 -7.13 29.24
N PRO B 252 2.40 -7.27 28.31
CA PRO B 252 2.45 -6.47 27.08
C PRO B 252 2.05 -5.02 27.32
N SER B 253 1.94 -4.24 26.25
CA SER B 253 1.49 -2.86 26.35
C SER B 253 0.10 -2.64 25.79
N ALA B 254 -0.33 -3.44 24.82
CA ALA B 254 -1.66 -3.31 24.25
C ALA B 254 -2.03 -4.64 23.60
N VAL B 255 -3.30 -4.75 23.20
CA VAL B 255 -3.80 -5.91 22.48
C VAL B 255 -4.88 -5.45 21.52
N ILE B 256 -4.77 -5.89 20.26
CA ILE B 256 -5.66 -5.47 19.20
C ILE B 256 -6.36 -6.70 18.63
N LEU B 257 -7.51 -6.45 17.99
CA LEU B 257 -8.30 -7.51 17.38
C LEU B 257 -8.37 -7.29 15.88
N GLU B 258 -7.84 -8.24 15.11
CA GLU B 258 -7.90 -8.18 13.66
C GLU B 258 -9.17 -8.82 13.14
N TYR B 259 -9.68 -8.30 12.02
CA TYR B 259 -10.84 -8.87 11.36
C TYR B 259 -10.67 -8.72 9.86
N GLN B 260 -11.70 -9.12 9.11
CA GLN B 260 -11.58 -9.35 7.68
C GLN B 260 -11.54 -8.04 6.90
N GLY B 261 -11.12 -8.16 5.64
CA GLY B 261 -11.28 -7.06 4.71
C GLY B 261 -12.74 -6.90 4.32
N GLN B 262 -13.11 -5.67 3.96
CA GLN B 262 -14.52 -5.36 3.73
C GLN B 262 -15.08 -6.08 2.50
N ALA B 263 -14.22 -6.43 1.54
CA ALA B 263 -14.70 -7.04 0.31
C ALA B 263 -14.45 -8.55 0.30
N HIS B 264 -13.21 -8.95 0.01
CA HIS B 264 -12.89 -10.38 -0.09
C HIS B 264 -11.84 -10.78 0.93
N HIS B 265 -10.57 -10.43 0.65
CA HIS B 265 -9.33 -10.71 1.39
C HIS B 265 -8.68 -12.01 0.93
N ALA B 266 -9.27 -12.72 -0.03
CA ALA B 266 -8.65 -13.91 -0.61
C ALA B 266 -9.34 -14.21 -1.94
N GLN B 267 -9.06 -15.39 -2.49
CA GLN B 267 -9.63 -15.77 -3.78
C GLN B 267 -11.13 -16.02 -3.68
N THR B 268 -11.59 -16.55 -2.55
CA THR B 268 -13.02 -16.84 -2.36
C THR B 268 -13.36 -16.63 -0.90
N ARG B 269 -14.06 -15.53 -0.59
CA ARG B 269 -14.48 -15.23 0.77
C ARG B 269 -15.83 -14.53 0.71
N ILE B 270 -16.31 -14.10 1.88
CA ILE B 270 -17.63 -13.50 2.01
C ILE B 270 -17.48 -12.11 2.63
N MET B 271 -18.54 -11.31 2.51
CA MET B 271 -18.53 -9.92 2.96
C MET B 271 -19.75 -9.51 3.78
N ASP B 272 -20.69 -10.42 4.03
CA ASP B 272 -21.89 -10.05 4.77
C ASP B 272 -21.53 -9.68 6.21
N ALA B 273 -22.20 -8.64 6.73
CA ALA B 273 -21.89 -8.10 8.05
C ALA B 273 -23.21 -7.83 8.80
N SER B 274 -23.72 -8.88 9.44
CA SER B 274 -24.87 -8.75 10.34
C SER B 274 -24.59 -9.29 11.73
N ASP B 275 -23.37 -9.74 11.99
CA ASP B 275 -22.98 -10.22 13.31
C ASP B 275 -22.05 -9.22 13.98
N GLU B 276 -22.53 -7.98 14.17
CA GLU B 276 -21.70 -6.96 14.79
C GLU B 276 -21.47 -7.23 16.27
N SER B 277 -22.44 -7.88 16.93
CA SER B 277 -22.26 -8.22 18.34
C SER B 277 -21.26 -9.35 18.54
N MET B 278 -20.97 -10.12 17.49
CA MET B 278 -19.93 -11.14 17.59
C MET B 278 -18.57 -10.53 17.86
N ILE B 279 -18.36 -9.30 17.38
CA ILE B 279 -17.10 -8.61 17.66
C ILE B 279 -17.17 -7.91 19.03
N VAL B 280 -18.31 -7.31 19.36
CA VAL B 280 -18.44 -6.60 20.63
C VAL B 280 -18.22 -7.54 21.80
N ARG B 281 -18.78 -8.75 21.72
CA ARG B 281 -18.59 -9.72 22.79
C ARG B 281 -17.16 -10.27 22.83
N ASP B 282 -16.43 -10.20 21.71
CA ASP B 282 -15.02 -10.59 21.72
C ASP B 282 -14.17 -9.53 22.40
N VAL B 283 -14.45 -8.26 22.12
CA VAL B 283 -13.71 -7.17 22.78
C VAL B 283 -14.05 -7.12 24.26
N GLN B 284 -15.26 -7.53 24.64
CA GLN B 284 -15.63 -7.55 26.04
C GLN B 284 -14.87 -8.64 26.80
N ARG B 285 -14.73 -9.81 26.19
CA ARG B 285 -14.04 -10.92 26.86
C ARG B 285 -12.55 -10.62 27.03
N ALA B 286 -11.91 -10.13 25.97
CA ALA B 286 -10.49 -9.83 26.05
C ALA B 286 -10.20 -8.65 26.98
N GLN B 287 -11.15 -7.73 27.11
CA GLN B 287 -10.96 -6.59 28.00
C GLN B 287 -11.10 -7.00 29.46
N ALA B 288 -11.98 -7.95 29.76
CA ALA B 288 -12.13 -8.42 31.14
C ALA B 288 -10.93 -9.26 31.58
N ILE B 289 -10.32 -10.01 30.66
CA ILE B 289 -9.14 -10.79 31.01
C ILE B 289 -7.96 -9.87 31.30
N TRP B 290 -7.88 -8.73 30.62
CA TRP B 290 -6.80 -7.78 30.89
C TRP B 290 -6.88 -7.25 32.31
N SER B 291 -8.09 -6.97 32.80
CA SER B 291 -8.25 -6.49 34.16
C SER B 291 -7.97 -7.59 35.18
N ARG B 292 -8.18 -8.86 34.80
CA ARG B 292 -7.87 -9.96 35.71
C ARG B 292 -6.37 -10.06 35.97
N TYR B 293 -5.55 -9.72 34.98
CA TYR B 293 -4.10 -9.69 35.14
C TYR B 293 -3.56 -8.26 35.13
N ASN B 294 -4.40 -7.28 35.45
CA ASN B 294 -3.99 -5.88 35.40
C ASN B 294 -2.95 -5.59 36.46
N ARG B 295 -1.90 -4.86 36.06
CA ARG B 295 -0.82 -4.51 36.97
C ARG B 295 -1.29 -3.47 37.98
FE FE C . -0.92 -7.49 10.71
FE FE D . -1.90 -9.63 13.38
FE FE E . -3.08 -13.20 11.85
#